data_5EJI
#
_entry.id   5EJI
#
_cell.length_a   63.466
_cell.length_b   74.389
_cell.length_c   119.012
_cell.angle_alpha   90.000
_cell.angle_beta   90.000
_cell.angle_gamma   90.000
#
_symmetry.space_group_name_H-M   'I 2 2 2'
#
loop_
_entity.id
_entity.type
_entity.pdbx_description
1 polymer 'NAD kinase 1'
2 non-polymer 'NADP NICOTINAMIDE-ADENINE-DINUCLEOTIDE PHOSPHATE'
3 non-polymer 'MANGANESE (II) ION'
4 non-polymer 'PYROPHOSPHATE 2-'
5 non-polymer 'CITRIC ACID'
6 water water
#
_entity_poly.entity_id   1
_entity_poly.type   'polypeptide(L)'
_entity_poly.pdbx_seq_one_letter_code
;MKYMITSKGDEKSDLLRLNMIAGFGEYDMEYDDVEPEIVISIGGDGTFLSAFHQYEERLDEIAFIGIHTGHLGFYADFRP
AEADKLVKLLAKGEYQKVSYPLLKTTVKYGIGKKEATYLALNESTVKSSGGPFVVDVVINDIHFERFRGDGLCMSTPSGT
TAYNKSLGGALMHPSIEAMQLTEMASINNRVYRTIGSPLVFPKHHVVSLQPVNDKDFQISVDHLSILHRDVQEIRYEVSA
KKIHFARFRSFPFWRRVHDSFIEDLEHHHHHH
;
_entity_poly.pdbx_strand_id   A
#
loop_
_chem_comp.id
_chem_comp.type
_chem_comp.name
_chem_comp.formula
CIT non-polymer 'CITRIC ACID' 'C6 H8 O7'
MN non-polymer 'MANGANESE (II) ION' 'Mn 2'
NAP non-polymer 'NADP NICOTINAMIDE-ADENINE-DINUCLEOTIDE PHOSPHATE' 'C21 H28 N7 O17 P3'
POP non-polymer 'PYROPHOSPHATE 2-' 'H2 O7 P2 -2'
#
# COMPACT_ATOMS: atom_id res chain seq x y z
N MET A 1 15.12 -8.55 -20.58
CA MET A 1 14.30 -8.67 -19.37
C MET A 1 12.83 -8.83 -19.73
N LYS A 2 12.12 -9.72 -19.04
CA LYS A 2 10.68 -9.83 -19.25
C LYS A 2 9.98 -8.66 -18.56
N TYR A 3 8.88 -8.19 -19.17
CA TYR A 3 8.15 -7.03 -18.67
C TYR A 3 6.66 -7.17 -18.98
N MET A 4 5.82 -6.45 -18.21
CA MET A 4 4.38 -6.32 -18.44
C MET A 4 3.97 -4.87 -18.21
N ILE A 5 2.83 -4.49 -18.81
CA ILE A 5 2.23 -3.18 -18.59
C ILE A 5 0.77 -3.32 -18.21
N THR A 6 0.36 -2.63 -17.14
CA THR A 6 -1.04 -2.56 -16.71
C THR A 6 -1.60 -1.20 -17.07
N SER A 7 -2.76 -1.17 -17.68
CA SER A 7 -3.38 0.08 -18.07
C SER A 7 -4.63 0.36 -17.27
N LYS A 8 -4.84 1.64 -16.96
CA LYS A 8 -6.11 2.09 -16.40
C LYS A 8 -7.28 1.82 -17.34
N GLY A 9 -7.03 1.54 -18.61
CA GLY A 9 -8.09 1.18 -19.52
C GLY A 9 -8.83 2.35 -20.16
N ASP A 10 -8.51 3.59 -19.80
CA ASP A 10 -9.00 4.70 -20.58
C ASP A 10 -8.20 4.78 -21.87
N GLU A 11 -8.57 5.72 -22.75
CA GLU A 11 -8.00 5.75 -24.10
C GLU A 11 -6.52 6.16 -24.08
N LYS A 12 -6.19 7.27 -23.41
CA LYS A 12 -4.79 7.68 -23.30
C LYS A 12 -3.90 6.56 -22.75
N SER A 13 -4.35 5.87 -21.71
CA SER A 13 -3.50 4.85 -21.10
C SER A 13 -3.29 3.66 -22.02
N ASP A 14 -4.38 3.15 -22.63
CA ASP A 14 -4.23 2.03 -23.56
C ASP A 14 -3.26 2.40 -24.68
N LEU A 15 -3.39 3.61 -25.23
CA LEU A 15 -2.55 3.99 -26.37
C LEU A 15 -1.11 4.23 -25.92
N LEU A 16 -0.92 4.86 -24.76
CA LEU A 16 0.43 4.95 -24.26
C LEU A 16 1.02 3.57 -24.04
N ARG A 17 0.19 2.61 -23.63
CA ARG A 17 0.65 1.24 -23.47
C ARG A 17 1.02 0.62 -24.82
N LEU A 18 0.21 0.84 -25.85
CA LEU A 18 0.54 0.30 -27.18
C LEU A 18 1.86 0.88 -27.70
N ASN A 19 2.07 2.19 -27.55
CA ASN A 19 3.32 2.80 -28.01
C ASN A 19 4.54 2.25 -27.29
N MET A 20 4.44 2.06 -25.96
CA MET A 20 5.60 1.57 -25.21
C MET A 20 5.93 0.13 -25.58
N ILE A 21 4.91 -0.72 -25.71
CA ILE A 21 5.12 -2.07 -26.22
C ILE A 21 5.86 -2.03 -27.55
N ALA A 22 5.33 -1.23 -28.49
CA ALA A 22 6.00 -1.10 -29.79
C ALA A 22 7.42 -0.59 -29.62
N GLY A 23 7.63 0.38 -28.71
CA GLY A 23 8.99 0.81 -28.43
C GLY A 23 9.85 -0.32 -27.91
N PHE A 24 9.30 -1.16 -27.03
CA PHE A 24 10.09 -2.23 -26.43
C PHE A 24 10.44 -3.31 -27.44
N GLY A 25 9.59 -3.52 -28.45
CA GLY A 25 9.93 -4.47 -29.50
C GLY A 25 11.24 -4.17 -30.19
N GLU A 26 11.61 -2.88 -30.27
CA GLU A 26 12.84 -2.46 -30.91
C GLU A 26 14.08 -2.77 -30.08
N TYR A 27 13.94 -3.41 -28.90
CA TYR A 27 15.08 -3.70 -28.04
C TYR A 27 15.18 -5.18 -27.66
N ASP A 28 14.41 -6.06 -28.32
CA ASP A 28 14.32 -7.47 -27.94
C ASP A 28 14.05 -7.61 -26.44
N MET A 29 12.96 -6.99 -25.98
CA MET A 29 12.48 -7.17 -24.63
C MET A 29 11.17 -7.94 -24.68
N GLU A 30 11.13 -9.09 -24.00
CA GLU A 30 10.01 -10.03 -24.07
C GLU A 30 8.91 -9.54 -23.13
N TYR A 31 7.75 -9.19 -23.69
CA TYR A 31 6.55 -8.98 -22.90
C TYR A 31 6.06 -10.33 -22.36
N ASP A 32 6.09 -10.48 -21.02
CA ASP A 32 5.59 -11.68 -20.35
C ASP A 32 4.81 -11.22 -19.12
N ASP A 33 3.51 -11.53 -19.09
CA ASP A 33 2.69 -11.17 -17.96
C ASP A 33 2.54 -12.30 -16.94
N VAL A 34 3.32 -13.37 -17.06
CA VAL A 34 3.37 -14.42 -16.06
C VAL A 34 4.52 -14.23 -15.09
N GLU A 35 5.74 -14.08 -15.61
CA GLU A 35 6.95 -13.93 -14.79
C GLU A 35 7.80 -12.76 -15.26
N PRO A 36 7.27 -11.53 -15.24
CA PRO A 36 8.10 -10.38 -15.57
C PRO A 36 9.12 -10.07 -14.48
N GLU A 37 10.11 -9.28 -14.84
CA GLU A 37 10.99 -8.64 -13.87
C GLU A 37 10.68 -7.16 -13.69
N ILE A 38 9.94 -6.57 -14.62
CA ILE A 38 9.59 -5.16 -14.57
C ILE A 38 8.10 -5.02 -14.87
N VAL A 39 7.37 -4.34 -13.98
CA VAL A 39 5.94 -4.12 -14.14
C VAL A 39 5.69 -2.62 -14.19
N ILE A 40 5.15 -2.16 -15.32
CA ILE A 40 4.83 -0.75 -15.54
C ILE A 40 3.31 -0.58 -15.37
N SER A 41 2.93 0.44 -14.61
CA SER A 41 1.54 0.76 -14.35
C SER A 41 1.23 2.12 -14.95
N ILE A 42 0.19 2.19 -15.79
CA ILE A 42 -0.18 3.43 -16.48
C ILE A 42 -1.57 3.82 -16.04
N GLY A 43 -1.66 4.89 -15.24
CA GLY A 43 -2.90 5.30 -14.62
C GLY A 43 -2.65 6.11 -13.37
N GLY A 44 -3.50 5.97 -12.36
CA GLY A 44 -3.29 6.60 -11.08
C GLY A 44 -2.78 5.64 -10.03
N ASP A 45 -3.03 5.97 -8.76
CA ASP A 45 -2.53 5.13 -7.68
C ASP A 45 -3.35 3.84 -7.51
N GLY A 46 -4.66 3.89 -7.79
CA GLY A 46 -5.43 2.65 -7.76
C GLY A 46 -4.93 1.62 -8.77
N THR A 47 -4.63 2.08 -10.00
CA THR A 47 -4.07 1.19 -11.02
C THR A 47 -2.75 0.60 -10.55
N PHE A 48 -1.92 1.40 -9.87
CA PHE A 48 -0.64 0.90 -9.37
C PHE A 48 -0.83 -0.16 -8.27
N LEU A 49 -1.74 0.10 -7.32
CA LEU A 49 -2.06 -0.90 -6.29
C LEU A 49 -2.57 -2.21 -6.91
N SER A 50 -3.49 -2.14 -7.87
CA SER A 50 -3.89 -3.33 -8.62
C SER A 50 -2.68 -4.05 -9.19
N ALA A 51 -1.77 -3.30 -9.83
CA ALA A 51 -0.59 -3.93 -10.38
C ALA A 51 0.21 -4.64 -9.29
N PHE A 52 0.29 -4.02 -8.13
CA PHE A 52 1.03 -4.63 -7.03
C PHE A 52 0.38 -5.94 -6.56
N HIS A 53 -0.95 -5.93 -6.38
CA HIS A 53 -1.59 -7.13 -5.86
C HIS A 53 -1.67 -8.24 -6.90
N GLN A 54 -1.53 -7.91 -8.19
CA GLN A 54 -1.45 -8.94 -9.21
C GLN A 54 -0.21 -9.81 -9.01
N TYR A 55 0.88 -9.22 -8.54
CA TYR A 55 2.16 -9.93 -8.46
C TYR A 55 2.63 -10.06 -7.03
N GLU A 56 1.71 -10.21 -6.08
CA GLU A 56 2.18 -10.24 -4.70
C GLU A 56 2.93 -11.53 -4.37
N GLU A 57 2.95 -12.52 -5.25
CA GLU A 57 3.73 -13.70 -4.96
C GLU A 57 5.18 -13.58 -5.42
N ARG A 58 5.53 -12.56 -6.23
CA ARG A 58 6.83 -12.48 -6.89
C ARG A 58 7.53 -11.16 -6.59
N LEU A 59 7.33 -10.64 -5.37
CA LEU A 59 7.74 -9.27 -5.05
C LEU A 59 9.23 -9.04 -5.19
N ASP A 60 10.07 -10.02 -4.83
CA ASP A 60 11.50 -9.67 -4.91
C ASP A 60 12.00 -9.90 -6.32
N GLU A 61 11.28 -10.66 -7.17
CA GLU A 61 11.72 -10.80 -8.55
C GLU A 61 11.41 -9.60 -9.43
N ILE A 62 10.67 -8.60 -8.95
CA ILE A 62 10.10 -7.56 -9.79
C ILE A 62 10.43 -6.17 -9.25
N ALA A 63 10.65 -5.23 -10.18
CA ALA A 63 10.74 -3.81 -9.85
C ALA A 63 9.65 -3.04 -10.58
N PHE A 64 8.93 -2.18 -9.85
CA PHE A 64 7.77 -1.45 -10.36
C PHE A 64 8.12 -0.03 -10.83
N ILE A 65 7.33 0.47 -11.80
CA ILE A 65 7.39 1.83 -12.31
C ILE A 65 5.97 2.29 -12.62
N GLY A 66 5.60 3.49 -12.18
CA GLY A 66 4.29 4.07 -12.46
C GLY A 66 4.38 5.24 -13.44
N ILE A 67 3.39 5.34 -14.33
CA ILE A 67 3.24 6.48 -15.22
C ILE A 67 1.91 7.15 -14.92
N HIS A 68 1.96 8.46 -14.70
CA HIS A 68 0.82 9.24 -14.21
C HIS A 68 -0.04 9.71 -15.39
N THR A 69 -1.14 9.00 -15.63
CA THR A 69 -2.25 9.51 -16.42
C THR A 69 -3.51 9.66 -15.57
N GLY A 70 -3.40 9.47 -14.25
CA GLY A 70 -4.50 9.64 -13.33
C GLY A 70 -4.59 11.07 -12.81
N HIS A 71 -5.19 11.20 -11.62
CA HIS A 71 -5.42 12.51 -11.03
C HIS A 71 -4.28 12.91 -10.10
N LEU A 72 -4.06 12.15 -9.03
CA LEU A 72 -2.97 12.52 -8.12
C LEU A 72 -1.64 11.87 -8.49
N GLY A 73 -1.61 10.54 -8.62
CA GLY A 73 -0.40 9.82 -8.97
C GLY A 73 0.76 9.86 -7.99
N PHE A 74 0.50 9.55 -6.70
CA PHE A 74 1.55 9.60 -5.71
C PHE A 74 2.68 8.62 -6.02
N TYR A 75 2.35 7.34 -6.30
CA TYR A 75 3.37 6.34 -6.62
C TYR A 75 3.97 6.50 -8.03
N ALA A 76 3.53 7.50 -8.81
CA ALA A 76 4.07 7.70 -10.15
C ALA A 76 5.39 8.46 -10.11
N ASP A 77 6.32 8.06 -10.96
CA ASP A 77 7.54 8.80 -11.22
C ASP A 77 7.58 9.47 -12.58
N PHE A 78 6.64 9.19 -13.48
CA PHE A 78 6.73 9.70 -14.84
C PHE A 78 5.40 10.27 -15.33
N ARG A 79 5.50 11.33 -16.09
CA ARG A 79 4.36 11.81 -16.84
C ARG A 79 4.38 11.19 -18.23
N PRO A 80 3.23 11.18 -18.92
CA PRO A 80 3.17 10.50 -20.23
C PRO A 80 4.18 10.99 -21.25
N ALA A 81 4.63 12.24 -21.19
CA ALA A 81 5.54 12.72 -22.22
C ALA A 81 6.96 12.18 -22.03
N GLU A 82 7.25 11.62 -20.87
CA GLU A 82 8.54 11.00 -20.62
C GLU A 82 8.56 9.53 -21.02
N ALA A 83 7.43 9.00 -21.50
CA ALA A 83 7.30 7.56 -21.66
C ALA A 83 8.35 7.01 -22.60
N ASP A 84 8.63 7.75 -23.69
CA ASP A 84 9.62 7.31 -24.67
C ASP A 84 11.01 7.21 -24.04
N LYS A 85 11.39 8.21 -23.24
CA LYS A 85 12.68 8.17 -22.57
C LYS A 85 12.75 7.02 -21.55
N LEU A 86 11.60 6.68 -20.93
CA LEU A 86 11.56 5.54 -20.02
C LEU A 86 11.96 4.25 -20.74
N VAL A 87 11.30 3.97 -21.88
CA VAL A 87 11.64 2.78 -22.66
C VAL A 87 13.15 2.66 -22.86
N LYS A 88 13.78 3.75 -23.31
CA LYS A 88 15.21 3.73 -23.58
C LYS A 88 15.98 3.38 -22.32
N LEU A 89 15.88 4.22 -21.28
CA LEU A 89 16.68 4.03 -20.08
C LEU A 89 16.45 2.67 -19.46
N LEU A 90 15.22 2.16 -19.54
CA LEU A 90 14.93 0.85 -18.96
C LEU A 90 15.54 -0.27 -19.77
N ALA A 91 15.71 -0.06 -21.08
CA ALA A 91 16.25 -1.11 -21.91
C ALA A 91 17.76 -1.21 -21.74
N LYS A 92 18.43 -0.08 -21.56
CA LYS A 92 19.87 -0.10 -21.40
C LYS A 92 20.30 -0.38 -19.95
N GLY A 93 19.34 -0.57 -19.04
CA GLY A 93 19.60 -0.98 -17.67
C GLY A 93 20.13 0.09 -16.72
N GLU A 94 19.91 1.38 -17.03
CA GLU A 94 20.43 2.46 -16.20
C GLU A 94 19.35 2.93 -15.23
N TYR A 95 19.25 2.17 -14.13
CA TYR A 95 18.35 2.47 -13.01
C TYR A 95 18.95 1.85 -11.76
N GLN A 96 18.52 2.35 -10.61
CA GLN A 96 18.83 1.78 -9.31
C GLN A 96 17.51 1.40 -8.62
N LYS A 97 17.58 0.43 -7.70
CA LYS A 97 16.39 -0.08 -7.04
C LYS A 97 16.22 0.48 -5.64
N VAL A 98 14.98 0.84 -5.33
CA VAL A 98 14.58 1.39 -4.04
C VAL A 98 13.51 0.46 -3.45
N SER A 99 13.63 0.17 -2.15
CA SER A 99 12.73 -0.75 -1.46
C SER A 99 11.99 -0.03 -0.35
N TYR A 100 10.65 -0.21 -0.31
CA TYR A 100 9.80 0.33 0.76
C TYR A 100 9.19 -0.81 1.59
N PRO A 101 9.02 -0.60 2.89
CA PRO A 101 8.41 -1.64 3.74
C PRO A 101 6.96 -1.91 3.39
N LEU A 102 6.51 -3.11 3.74
CA LEU A 102 5.14 -3.57 3.55
C LEU A 102 4.53 -4.01 4.88
N LEU A 103 3.20 -4.16 4.91
CA LEU A 103 2.46 -4.53 6.11
C LEU A 103 1.85 -5.93 5.96
N LYS A 104 2.11 -6.80 6.93
CA LYS A 104 1.49 -8.11 6.99
C LYS A 104 0.28 -8.08 7.91
N THR A 105 -0.87 -8.49 7.38
CA THR A 105 -2.10 -8.71 8.13
C THR A 105 -2.39 -10.20 8.20
N THR A 106 -2.69 -10.71 9.39
CA THR A 106 -3.13 -12.09 9.56
C THR A 106 -4.47 -12.12 10.27
N VAL A 107 -5.42 -12.88 9.72
CA VAL A 107 -6.76 -13.04 10.27
C VAL A 107 -6.98 -14.51 10.61
N LYS A 108 -7.43 -14.79 11.84
CA LYS A 108 -7.62 -16.15 12.29
C LYS A 108 -9.10 -16.43 12.59
N TYR A 109 -9.51 -17.69 12.43
CA TYR A 109 -10.88 -18.13 12.68
C TYR A 109 -10.95 -19.29 13.68
N GLY A 110 -12.03 -20.06 13.57
CA GLY A 110 -12.24 -21.27 14.35
C GLY A 110 -13.42 -22.10 13.85
N GLU A 115 -6.59 -19.33 9.26
CA GLU A 115 -5.68 -18.22 8.98
C GLU A 115 -5.65 -17.75 7.53
N ALA A 116 -5.91 -16.47 7.33
CA ALA A 116 -5.64 -15.78 6.07
C ALA A 116 -4.59 -14.71 6.30
N THR A 117 -3.67 -14.56 5.35
CA THR A 117 -2.64 -13.53 5.42
C THR A 117 -2.71 -12.65 4.17
N TYR A 118 -2.41 -11.36 4.34
CA TYR A 118 -2.42 -10.40 3.24
C TYR A 118 -1.23 -9.46 3.38
N LEU A 119 -0.82 -8.90 2.24
CA LEU A 119 0.25 -7.90 2.16
C LEU A 119 -0.37 -6.59 1.68
N ALA A 120 -0.06 -5.49 2.37
CA ALA A 120 -0.62 -4.18 2.01
C ALA A 120 0.50 -3.22 1.69
N LEU A 121 0.29 -2.42 0.64
CA LEU A 121 1.24 -1.39 0.27
C LEU A 121 0.87 -0.03 0.85
N ASN A 122 -0.43 0.22 1.01
CA ASN A 122 -0.86 1.43 1.69
C ASN A 122 -1.21 1.10 3.14
N GLU A 123 -2.25 0.31 3.35
CA GLU A 123 -2.72 0.08 4.73
C GLU A 123 -3.71 -1.06 4.71
N SER A 124 -4.03 -1.52 5.92
CA SER A 124 -5.19 -2.38 6.19
C SER A 124 -6.01 -1.75 7.30
N THR A 125 -7.34 -1.76 7.14
CA THR A 125 -8.24 -1.16 8.10
C THR A 125 -9.27 -2.18 8.56
N VAL A 126 -9.94 -1.87 9.67
CA VAL A 126 -10.93 -2.75 10.28
C VAL A 126 -12.11 -1.92 10.71
N LYS A 127 -13.31 -2.36 10.33
CA LYS A 127 -14.58 -1.76 10.76
C LYS A 127 -15.53 -2.90 11.07
N SER A 128 -16.69 -2.58 11.65
CA SER A 128 -17.64 -3.62 11.98
C SER A 128 -18.47 -3.98 10.75
N SER A 129 -19.19 -5.09 10.85
CA SER A 129 -20.13 -5.48 9.81
C SER A 129 -21.41 -4.66 9.90
N GLY A 130 -21.32 -3.43 10.39
CA GLY A 130 -22.52 -2.69 10.69
C GLY A 130 -22.86 -2.89 12.15
N GLY A 131 -23.27 -1.84 12.83
CA GLY A 131 -23.38 -1.93 14.26
C GLY A 131 -22.08 -1.50 14.90
N PRO A 132 -22.03 -1.48 16.22
CA PRO A 132 -20.91 -0.85 16.93
C PRO A 132 -19.61 -1.63 16.78
N PHE A 133 -18.51 -0.88 16.73
CA PHE A 133 -17.17 -1.44 16.61
C PHE A 133 -16.47 -1.36 17.97
N VAL A 134 -16.09 -2.51 18.51
CA VAL A 134 -15.42 -2.59 19.82
C VAL A 134 -14.37 -3.69 19.73
N VAL A 135 -13.10 -3.34 19.96
CA VAL A 135 -12.04 -4.34 19.98
C VAL A 135 -11.07 -4.02 21.10
N ASP A 136 -10.39 -5.05 21.58
CA ASP A 136 -9.27 -4.84 22.47
C ASP A 136 -7.99 -4.79 21.65
N VAL A 137 -7.09 -3.91 22.04
CA VAL A 137 -5.84 -3.69 21.32
C VAL A 137 -4.72 -4.22 22.20
N VAL A 138 -4.12 -5.33 21.77
CA VAL A 138 -3.06 -6.01 22.51
C VAL A 138 -1.75 -5.78 21.76
N ILE A 139 -0.77 -5.19 22.44
CA ILE A 139 0.53 -4.90 21.86
C ILE A 139 1.55 -5.84 22.51
N ASN A 140 2.23 -6.65 21.68
CA ASN A 140 3.23 -7.59 22.20
C ASN A 140 2.70 -8.35 23.42
N ASP A 141 1.46 -8.80 23.32
CA ASP A 141 0.79 -9.59 24.36
C ASP A 141 0.44 -8.80 25.61
N ILE A 142 0.72 -7.49 25.69
CA ILE A 142 0.17 -6.65 26.76
C ILE A 142 -1.08 -5.96 26.24
N HIS A 143 -2.14 -5.99 27.06
CA HIS A 143 -3.42 -5.36 26.73
C HIS A 143 -3.29 -3.86 26.90
N PHE A 144 -3.47 -3.12 25.80
CA PHE A 144 -3.20 -1.69 25.77
C PHE A 144 -4.46 -0.84 25.93
N GLU A 145 -5.52 -1.12 25.18
CA GLU A 145 -6.73 -0.32 25.31
C GLU A 145 -7.88 -1.17 24.78
N ARG A 146 -9.10 -0.78 25.13
CA ARG A 146 -10.32 -1.25 24.46
C ARG A 146 -10.85 -0.16 23.53
N PHE A 147 -10.88 -0.41 22.21
CA PHE A 147 -11.24 0.66 21.28
C PHE A 147 -12.73 0.61 20.95
N ARG A 148 -13.44 1.71 21.21
CA ARG A 148 -14.81 1.93 20.74
C ARG A 148 -14.81 3.09 19.75
N GLY A 149 -15.39 2.87 18.57
CA GLY A 149 -15.35 3.88 17.52
C GLY A 149 -15.93 3.40 16.21
N ASP A 150 -15.46 3.97 15.09
CA ASP A 150 -15.86 3.51 13.77
C ASP A 150 -14.91 2.46 13.19
N GLY A 151 -13.65 2.49 13.57
CA GLY A 151 -12.68 1.56 13.04
C GLY A 151 -11.26 2.02 13.34
N LEU A 152 -10.31 1.24 12.82
CA LEU A 152 -8.88 1.50 12.99
C LEU A 152 -8.17 1.33 11.65
N CYS A 153 -7.01 1.99 11.50
CA CYS A 153 -6.21 1.96 10.28
C CYS A 153 -4.75 1.69 10.63
N MET A 154 -4.15 0.68 9.98
CA MET A 154 -2.72 0.40 10.15
C MET A 154 -2.05 0.57 8.80
N SER A 155 -1.00 1.42 8.74
CA SER A 155 -0.47 1.99 7.49
C SER A 155 1.03 1.73 7.35
N THR A 156 1.49 1.44 6.12
CA THR A 156 2.93 1.35 5.82
C THR A 156 3.54 2.75 5.83
N PRO A 157 4.85 2.89 5.74
CA PRO A 157 5.40 4.25 5.59
C PRO A 157 4.86 4.96 4.34
N SER A 158 4.97 4.34 3.17
CA SER A 158 4.47 5.05 1.99
C SER A 158 2.95 5.15 2.00
N GLY A 159 2.26 4.39 2.83
CA GLY A 159 0.83 4.59 2.97
C GLY A 159 0.42 5.78 3.81
N THR A 160 1.36 6.41 4.51
CA THR A 160 0.96 7.43 5.48
C THR A 160 0.45 8.69 4.79
N THR A 161 0.75 8.88 3.49
CA THR A 161 0.19 9.99 2.74
C THR A 161 -1.26 9.72 2.31
N ALA A 162 -1.75 8.52 2.55
CA ALA A 162 -3.03 8.06 2.02
C ALA A 162 -4.10 8.15 3.12
N TYR A 163 -4.85 7.09 3.39
CA TYR A 163 -5.95 7.11 4.34
C TYR A 163 -5.45 7.57 5.70
N ASN A 164 -4.29 7.08 6.13
CA ASN A 164 -3.67 7.53 7.38
C ASN A 164 -3.66 9.04 7.47
N LYS A 165 -3.31 9.73 6.37
CA LYS A 165 -3.19 11.17 6.44
C LYS A 165 -4.53 11.81 6.77
N SER A 166 -5.61 11.27 6.19
CA SER A 166 -6.93 11.86 6.37
C SER A 166 -7.43 11.68 7.80
N LEU A 167 -6.88 10.72 8.52
CA LEU A 167 -7.27 10.48 9.90
C LEU A 167 -6.37 11.17 10.89
N GLY A 168 -5.55 12.14 10.45
CA GLY A 168 -4.68 12.83 11.38
C GLY A 168 -3.35 12.16 11.64
N GLY A 169 -3.05 11.04 10.97
CA GLY A 169 -1.76 10.40 11.17
C GLY A 169 -0.58 11.26 10.70
N ALA A 170 0.61 10.82 11.13
CA ALA A 170 1.85 11.45 10.73
C ALA A 170 2.34 10.87 9.41
N LEU A 171 3.03 11.69 8.62
CA LEU A 171 3.76 11.21 7.44
C LEU A 171 5.11 10.69 7.84
N MET A 172 5.50 9.56 7.25
CA MET A 172 6.60 8.74 7.76
C MET A 172 7.53 8.39 6.61
N HIS A 173 8.82 8.72 6.73
CA HIS A 173 9.73 8.45 5.63
C HIS A 173 9.94 6.96 5.46
N PRO A 174 9.94 6.45 4.23
CA PRO A 174 9.94 4.99 4.02
C PRO A 174 11.26 4.31 4.33
N SER A 175 12.33 5.04 4.64
CA SER A 175 13.50 4.35 5.16
C SER A 175 13.27 3.77 6.55
N ILE A 176 12.18 4.17 7.22
CA ILE A 176 11.88 3.69 8.56
C ILE A 176 11.00 2.44 8.45
N GLU A 177 11.49 1.32 8.96
CA GLU A 177 10.74 0.07 8.84
C GLU A 177 9.73 0.03 9.98
N ALA A 178 8.51 0.53 9.71
CA ALA A 178 7.49 0.72 10.73
C ALA A 178 6.10 0.57 10.13
N MET A 179 5.10 0.50 11.03
CA MET A 179 3.68 0.57 10.70
C MET A 179 3.02 1.52 11.71
N GLN A 180 1.96 2.21 11.28
CA GLN A 180 1.35 3.25 12.09
C GLN A 180 -0.15 3.06 12.21
N LEU A 181 -0.66 3.19 13.44
CA LEU A 181 -2.05 2.90 13.74
C LEU A 181 -2.79 4.18 14.11
N THR A 182 -3.94 4.41 13.47
CA THR A 182 -4.73 5.62 13.71
C THR A 182 -6.17 5.22 13.93
N GLU A 183 -6.88 6.04 14.69
CA GLU A 183 -8.27 5.80 15.08
C GLU A 183 -9.24 6.41 14.07
N MET A 184 -10.40 5.78 13.89
CA MET A 184 -11.53 6.39 13.18
C MET A 184 -12.59 6.72 14.21
N ALA A 185 -12.75 8.01 14.49
CA ALA A 185 -13.77 8.58 15.36
C ALA A 185 -13.93 7.82 16.68
N SER A 186 -12.90 7.84 17.52
CA SER A 186 -13.00 7.09 18.77
C SER A 186 -13.96 7.76 19.74
N ILE A 187 -14.61 6.95 20.54
CA ILE A 187 -15.48 7.46 21.59
C ILE A 187 -14.66 7.61 22.86
N ASN A 188 -14.67 8.81 23.42
CA ASN A 188 -13.95 9.13 24.64
C ASN A 188 -14.87 9.88 25.56
N ASN A 189 -15.19 9.30 26.70
CA ASN A 189 -16.05 9.98 27.67
C ASN A 189 -15.64 9.51 29.07
N ARG A 190 -16.53 9.72 30.04
CA ARG A 190 -16.23 9.35 31.42
C ARG A 190 -15.81 7.88 31.53
N VAL A 191 -16.50 7.00 30.79
CA VAL A 191 -16.33 5.56 30.90
C VAL A 191 -15.46 4.93 29.80
N TYR A 192 -15.30 5.57 28.65
CA TYR A 192 -14.53 5.00 27.54
C TYR A 192 -13.33 5.87 27.21
N ARG A 193 -12.19 5.22 26.93
CA ARG A 193 -10.92 5.92 26.86
C ARG A 193 -10.04 5.26 25.80
N THR A 194 -9.54 6.04 24.83
CA THR A 194 -8.49 5.53 23.96
C THR A 194 -7.29 6.47 24.01
N ILE A 195 -6.16 6.01 23.48
CA ILE A 195 -4.96 6.83 23.46
C ILE A 195 -5.17 8.11 22.64
N GLY A 196 -5.95 8.05 21.55
CA GLY A 196 -6.11 9.22 20.69
C GLY A 196 -5.01 9.43 19.68
N SER A 197 -3.80 9.65 20.15
CA SER A 197 -2.64 9.78 19.28
C SER A 197 -2.48 8.57 18.35
N PRO A 198 -1.96 8.80 17.14
CA PRO A 198 -1.48 7.67 16.32
C PRO A 198 -0.33 7.00 17.05
N LEU A 199 -0.12 5.72 16.72
CA LEU A 199 0.99 4.95 17.29
C LEU A 199 1.87 4.46 16.15
N VAL A 200 3.18 4.59 16.32
CA VAL A 200 4.17 4.11 15.35
C VAL A 200 4.96 2.98 15.98
N PHE A 201 4.87 1.76 15.35
CA PHE A 201 5.43 0.49 15.79
C PHE A 201 6.65 0.10 14.99
N PRO A 202 7.68 -0.41 15.67
CA PRO A 202 8.90 -0.82 14.98
C PRO A 202 8.73 -2.20 14.39
N LYS A 203 9.75 -2.62 13.65
CA LYS A 203 9.66 -3.83 12.84
C LYS A 203 9.33 -5.06 13.68
N HIS A 204 9.81 -5.13 14.91
CA HIS A 204 9.75 -6.38 15.67
C HIS A 204 8.50 -6.50 16.54
N HIS A 205 7.56 -5.56 16.48
CA HIS A 205 6.41 -5.54 17.37
C HIS A 205 5.18 -6.11 16.69
N VAL A 206 4.25 -6.65 17.48
CA VAL A 206 3.04 -7.29 16.98
C VAL A 206 1.84 -6.65 17.65
N VAL A 207 0.93 -6.15 16.85
CA VAL A 207 -0.31 -5.56 17.32
C VAL A 207 -1.42 -6.49 16.89
N SER A 208 -2.22 -6.92 17.86
CA SER A 208 -3.29 -7.87 17.64
C SER A 208 -4.59 -7.22 18.07
N LEU A 209 -5.63 -7.34 17.24
CA LEU A 209 -6.96 -6.86 17.59
C LEU A 209 -7.81 -8.06 17.98
N GLN A 210 -8.57 -7.95 19.08
CA GLN A 210 -9.36 -9.07 19.55
C GLN A 210 -10.80 -8.66 19.83
N PRO A 211 -11.77 -9.36 19.24
CA PRO A 211 -13.18 -8.95 19.38
C PRO A 211 -13.65 -8.98 20.84
N VAL A 212 -14.66 -8.16 21.11
CA VAL A 212 -15.29 -8.09 22.43
C VAL A 212 -16.69 -8.72 22.41
N ASN A 213 -17.54 -8.32 21.45
CA ASN A 213 -18.83 -8.99 21.29
C ASN A 213 -19.06 -9.46 19.86
N ASP A 214 -19.49 -8.58 18.95
CA ASP A 214 -19.64 -8.98 17.56
C ASP A 214 -18.30 -9.47 17.01
N LYS A 215 -18.33 -10.56 16.25
CA LYS A 215 -17.12 -11.17 15.70
C LYS A 215 -17.02 -11.09 14.18
N ASP A 216 -17.89 -10.32 13.54
CA ASP A 216 -17.79 -10.10 12.10
C ASP A 216 -17.24 -8.70 11.84
N PHE A 217 -16.28 -8.60 10.92
CA PHE A 217 -15.58 -7.36 10.63
C PHE A 217 -15.43 -7.16 9.13
N GLN A 218 -15.54 -5.91 8.70
CA GLN A 218 -15.20 -5.47 7.36
C GLN A 218 -13.71 -5.13 7.32
N ILE A 219 -12.89 -5.99 6.72
CA ILE A 219 -11.44 -5.82 6.66
C ILE A 219 -11.04 -5.39 5.25
N SER A 220 -10.22 -4.34 5.17
CA SER A 220 -9.72 -3.83 3.91
C SER A 220 -8.21 -4.00 3.82
N VAL A 221 -7.72 -4.20 2.59
CA VAL A 221 -6.29 -4.22 2.26
C VAL A 221 -6.14 -3.42 0.98
N ASP A 222 -5.56 -2.23 1.07
CA ASP A 222 -5.48 -1.31 -0.07
C ASP A 222 -6.91 -1.18 -0.61
N HIS A 223 -7.14 -1.34 -1.91
CA HIS A 223 -8.48 -1.13 -2.47
C HIS A 223 -9.43 -2.30 -2.23
N LEU A 224 -8.94 -3.45 -1.78
CA LEU A 224 -9.79 -4.60 -1.55
C LEU A 224 -10.43 -4.54 -0.17
N SER A 225 -11.68 -4.99 -0.10
CA SER A 225 -12.46 -5.00 1.13
C SER A 225 -13.24 -6.30 1.19
N ILE A 226 -13.03 -7.06 2.26
CA ILE A 226 -13.60 -8.39 2.42
C ILE A 226 -14.32 -8.45 3.76
N LEU A 227 -15.41 -9.20 3.79
CA LEU A 227 -16.05 -9.53 5.06
C LEU A 227 -15.39 -10.77 5.62
N HIS A 228 -15.04 -10.73 6.90
CA HIS A 228 -14.59 -11.90 7.63
C HIS A 228 -15.59 -12.17 8.76
N ARG A 229 -15.99 -13.41 8.91
CA ARG A 229 -16.96 -13.83 9.91
C ARG A 229 -16.29 -14.72 10.95
N ASP A 230 -16.79 -14.68 12.18
CA ASP A 230 -16.29 -15.50 13.28
C ASP A 230 -14.77 -15.36 13.40
N VAL A 231 -14.35 -14.11 13.60
CA VAL A 231 -12.94 -13.74 13.66
C VAL A 231 -12.46 -13.89 15.09
N GLN A 232 -11.28 -14.48 15.26
CA GLN A 232 -10.66 -14.60 16.58
C GLN A 232 -9.56 -13.58 16.81
N GLU A 233 -8.85 -13.18 15.76
CA GLU A 233 -7.71 -12.29 15.92
C GLU A 233 -7.38 -11.66 14.58
N ILE A 234 -6.95 -10.41 14.62
CA ILE A 234 -6.35 -9.70 13.49
C ILE A 234 -4.98 -9.24 13.96
N ARG A 235 -3.93 -9.76 13.33
CA ARG A 235 -2.57 -9.53 13.77
C ARG A 235 -1.81 -8.71 12.72
N TYR A 236 -1.20 -7.61 13.16
CA TYR A 236 -0.47 -6.68 12.32
C TYR A 236 1.01 -6.74 12.66
N GLU A 237 1.85 -6.90 11.64
CA GLU A 237 3.28 -6.73 11.83
C GLU A 237 3.89 -6.20 10.55
N VAL A 238 5.06 -5.55 10.69
CA VAL A 238 5.81 -5.13 9.51
C VAL A 238 6.31 -6.36 8.78
N SER A 239 6.01 -6.44 7.48
CA SER A 239 6.34 -7.63 6.72
C SER A 239 7.85 -7.82 6.53
N ALA A 240 8.24 -9.08 6.34
CA ALA A 240 9.60 -9.35 5.91
C ALA A 240 9.79 -9.02 4.43
N LYS A 241 8.71 -8.89 3.68
CA LYS A 241 8.81 -8.67 2.24
C LYS A 241 8.75 -7.16 1.94
N LYS A 242 9.45 -6.76 0.88
CA LYS A 242 9.53 -5.37 0.46
C LYS A 242 9.15 -5.22 -1.02
N ILE A 243 8.66 -4.04 -1.37
CA ILE A 243 8.41 -3.69 -2.78
C ILE A 243 9.64 -2.97 -3.31
N HIS A 244 10.06 -3.34 -4.50
CA HIS A 244 11.21 -2.70 -5.15
C HIS A 244 10.73 -1.74 -6.22
N PHE A 245 11.29 -0.53 -6.22
CA PHE A 245 11.00 0.51 -7.20
C PHE A 245 12.20 0.73 -8.11
N ALA A 246 11.95 0.86 -9.42
CA ALA A 246 13.00 1.25 -10.36
C ALA A 246 13.08 2.77 -10.42
N ARG A 247 14.24 3.33 -10.05
CA ARG A 247 14.46 4.76 -10.04
C ARG A 247 15.50 5.10 -11.09
N PHE A 248 15.13 5.99 -12.02
CA PHE A 248 16.05 6.54 -12.99
C PHE A 248 16.51 7.94 -12.63
N ARG A 249 15.67 8.71 -11.94
CA ARG A 249 16.02 10.03 -11.44
C ARG A 249 15.80 10.05 -9.92
N SER A 250 16.73 10.69 -9.22
CA SER A 250 16.54 10.95 -7.80
C SER A 250 15.25 11.74 -7.62
N PHE A 251 14.31 11.16 -6.87
CA PHE A 251 13.01 11.77 -6.61
C PHE A 251 12.66 11.51 -5.16
N PRO A 252 13.17 12.35 -4.25
CA PRO A 252 13.06 12.04 -2.81
C PRO A 252 11.62 12.04 -2.31
N PHE A 253 11.38 11.22 -1.28
CA PHE A 253 10.05 11.11 -0.72
C PHE A 253 9.48 12.48 -0.36
N TRP A 254 10.28 13.31 0.32
CA TRP A 254 9.70 14.58 0.78
C TRP A 254 9.37 15.50 -0.39
N ARG A 255 10.11 15.41 -1.49
CA ARG A 255 9.74 16.18 -2.69
C ARG A 255 8.44 15.66 -3.28
N ARG A 256 8.32 14.34 -3.35
CA ARG A 256 7.07 13.70 -3.74
C ARG A 256 5.91 14.21 -2.88
N VAL A 257 6.11 14.24 -1.55
CA VAL A 257 5.06 14.74 -0.65
C VAL A 257 4.74 16.19 -0.96
N HIS A 258 5.78 17.02 -1.07
CA HIS A 258 5.59 18.44 -1.39
C HIS A 258 4.77 18.61 -2.67
N ASP A 259 5.17 17.91 -3.75
CA ASP A 259 4.46 18.09 -5.02
C ASP A 259 3.02 17.64 -4.93
N SER A 260 2.71 16.67 -4.04
CA SER A 260 1.35 16.14 -3.95
C SER A 260 0.43 16.95 -3.05
N PHE A 261 0.97 17.71 -2.07
CA PHE A 261 0.12 18.40 -1.13
C PHE A 261 0.32 19.90 -1.08
N ILE A 262 1.54 20.38 -1.32
CA ILE A 262 1.78 21.82 -1.26
C ILE A 262 1.61 22.46 -2.63
N GLU A 263 2.37 22.03 -3.65
CA GLU A 263 2.25 22.65 -4.97
C GLU A 263 3.07 21.88 -6.03
N ASP A 264 2.56 21.89 -7.26
CA ASP A 264 3.22 21.32 -8.47
C ASP A 264 3.38 19.81 -8.48
PA NAP B . -9.40 6.42 -4.56
O1A NAP B . -9.46 7.37 -5.71
O2A NAP B . -10.64 6.53 -3.77
O5B NAP B . -8.14 6.81 -3.68
C5B NAP B . -8.27 8.11 -2.97
C4B NAP B . -7.07 9.02 -3.26
O4B NAP B . -5.80 8.44 -2.47
C3B NAP B . -6.72 9.11 -4.54
O3B NAP B . -6.38 10.55 -4.82
C2B NAP B . -5.44 8.32 -4.69
O2B NAP B . -4.64 8.89 -5.64
C1B NAP B . -4.81 8.58 -3.28
N9A NAP B . -3.73 7.67 -2.86
C8A NAP B . -3.62 6.33 -3.00
N7A NAP B . -2.45 5.92 -2.46
C5A NAP B . -1.80 7.04 -1.96
C6A NAP B . -0.59 7.31 -1.28
N6A NAP B . 0.34 6.24 -0.96
N1A NAP B . -0.30 8.56 -0.96
C2A NAP B . -1.14 9.58 -1.22
N3A NAP B . -2.29 9.40 -1.85
C4A NAP B . -2.63 8.16 -2.22
O3 NAP B . -9.23 4.95 -5.13
PN NAP B . -7.96 4.06 -4.78
O1N NAP B . -6.67 4.84 -4.99
O2N NAP B . -7.98 2.86 -5.62
O5D NAP B . -8.09 3.63 -3.25
C5D NAP B . -7.01 3.04 -2.51
C4D NAP B . -6.61 3.93 -1.52
O4D NAP B . -7.64 5.04 -1.20
C3D NAP B . -6.55 3.21 -0.14
O3D NAP B . -5.32 2.38 -0.10
C2D NAP B . -6.57 4.18 0.71
O2D NAP B . -5.25 4.62 1.21
C1D NAP B . -7.33 5.45 -0.01
N1N NAP B . -8.50 5.71 0.76
C2N NAP B . -8.60 6.87 1.40
C3N NAP B . -9.75 7.13 2.15
C7N NAP B . -9.87 8.45 2.89
O7N NAP B . -8.99 9.25 2.78
N7N NAP B . -11.09 8.71 3.70
C4N NAP B . -10.80 6.19 2.24
C5N NAP B . -10.63 4.97 1.53
C6N NAP B . -9.46 4.77 0.80
P2B NAP B . -5.01 8.87 -7.25
O1X NAP B . -3.72 8.63 -8.05
O2X NAP B . -5.62 10.19 -7.62
O3X NAP B . -6.01 7.76 -7.59
MN MN C . -7.58 6.39 -7.47
P1 POP D . -6.90 5.21 -10.73
O1 POP D . -5.61 4.60 -10.27
O2 POP D . -6.62 6.16 -11.86
O3 POP D . -7.85 4.12 -11.22
O POP D . -7.58 6.00 -9.52
P2 POP D . -9.12 6.46 -9.61
O4 POP D . -9.49 7.31 -8.42
O5 POP D . -9.34 7.26 -10.86
O6 POP D . -9.98 5.21 -9.61
C1 CIT E . 13.41 7.47 -2.32
O1 CIT E . 12.50 7.17 -1.49
O2 CIT E . 13.10 7.54 -3.52
C2 CIT E . 14.86 7.72 -1.93
C3 CIT E . 15.03 8.29 -0.51
O7 CIT E . 14.24 7.46 0.38
C4 CIT E . 16.49 8.24 -0.08
C5 CIT E . 16.73 8.47 1.40
O3 CIT E . 17.14 7.54 2.12
O4 CIT E . 16.57 9.61 1.91
C6 CIT E . 14.60 9.77 -0.47
O5 CIT E . 13.47 10.14 -0.09
O6 CIT E . 15.40 10.64 -0.85
#